data_2D5C
#
_entry.id   2D5C
#
_cell.length_a   62.811
_cell.length_b   63.944
_cell.length_c   113.173
_cell.angle_alpha   90.00
_cell.angle_beta   90.00
_cell.angle_gamma   90.00
#
_symmetry.space_group_name_H-M   'P 21 21 21'
#
loop_
_entity.id
_entity.type
_entity.pdbx_description
1 polymer 'shikimate 5-dehydrogenase'
2 non-polymer 'SULFATE ION'
3 non-polymer '(3R,4S,5R)-3,4,5-TRIHYDROXYCYCLOHEX-1-ENE-1-CARBOXYLIC ACID'
4 water water
#
_entity_poly.entity_id   1
_entity_poly.type   'polypeptide(L)'
_entity_poly.pdbx_seq_one_letter_code
;MLRFAVLGHPVAHSLSPAMHAFALESLGLEGSYEAWDTPLEALPGRLKEVRRAFRGVNLTLPLKEAALAHLDWVSPEAQR
IGAVNTVLQVEGRLFGFNTDAPGFLEALKAGGIPLKGPALVLGAGGAGRAVAFALREAGLEVWVWNRTPQRALALAEEFG
LRAVPLEKAREARLLVNATRVGLEDPSASPLPAELFPEEGAAVDLVYRPLWTRFLREAKAKGLKVQTGLPMLAWQGALAF
RLWTGLLPDPSGMEEAARRALGV
;
_entity_poly.pdbx_strand_id   A,B
#
loop_
_chem_comp.id
_chem_comp.type
_chem_comp.name
_chem_comp.formula
SKM non-polymer '(3R,4S,5R)-3,4,5-TRIHYDROXYCYCLOHEX-1-ENE-1-CARBOXYLIC ACID' 'C7 H10 O5'
SO4 non-polymer 'SULFATE ION' 'O4 S -2'
#
# COMPACT_ATOMS: atom_id res chain seq x y z
N MET A 1 10.17 7.70 -10.62
CA MET A 1 10.76 7.56 -9.25
C MET A 1 9.75 7.84 -8.15
N LEU A 2 10.12 7.46 -6.93
CA LEU A 2 9.28 7.62 -5.76
C LEU A 2 9.08 9.08 -5.37
N ARG A 3 7.83 9.50 -5.26
CA ARG A 3 7.50 10.87 -4.88
C ARG A 3 6.84 10.86 -3.52
N PHE A 4 7.52 11.43 -2.53
CA PHE A 4 7.02 11.50 -1.16
C PHE A 4 6.93 12.94 -0.68
N ALA A 5 6.27 13.15 0.46
CA ALA A 5 6.16 14.48 1.01
C ALA A 5 5.62 14.46 2.43
N VAL A 6 5.88 15.53 3.18
CA VAL A 6 5.37 15.66 4.54
C VAL A 6 4.40 16.84 4.40
N LEU A 7 3.14 16.62 4.76
CA LEU A 7 2.12 17.65 4.67
C LEU A 7 1.80 18.19 6.07
N GLY A 8 1.65 19.50 6.18
CA GLY A 8 1.35 20.09 7.46
C GLY A 8 1.52 21.59 7.48
N HIS A 9 1.57 22.14 8.68
CA HIS A 9 1.73 23.57 8.85
C HIS A 9 2.07 23.88 10.31
N PRO A 10 3.29 24.36 10.56
CA PRO A 10 4.35 24.64 9.59
C PRO A 10 5.18 23.40 9.28
N VAL A 11 5.71 23.33 8.05
CA VAL A 11 6.53 22.19 7.67
C VAL A 11 7.85 22.59 7.01
N ALA A 12 8.04 23.89 6.78
CA ALA A 12 9.27 24.38 6.17
C ALA A 12 10.50 23.97 6.98
N HIS A 13 10.31 23.71 8.26
CA HIS A 13 11.40 23.30 9.14
C HIS A 13 11.49 21.80 9.41
N SER A 14 10.67 21.01 8.73
CA SER A 14 10.69 19.57 8.97
C SER A 14 12.04 18.93 8.63
N LEU A 15 12.43 17.94 9.42
CA LEU A 15 13.68 17.21 9.20
C LEU A 15 13.43 15.93 8.38
N SER A 16 12.18 15.68 8.03
CA SER A 16 11.86 14.49 7.25
C SER A 16 12.50 14.50 5.87
N PRO A 17 12.49 15.64 5.18
CA PRO A 17 13.11 15.64 3.86
C PRO A 17 14.55 15.14 3.92
N ALA A 18 15.30 15.59 4.92
CA ALA A 18 16.69 15.17 5.09
C ALA A 18 16.81 13.68 5.42
N MET A 19 15.94 13.18 6.28
CA MET A 19 15.99 11.78 6.66
C MET A 19 15.70 10.86 5.50
N HIS A 20 14.67 11.19 4.74
CA HIS A 20 14.30 10.27 3.65
C HIS A 20 15.19 10.45 2.42
N ALA A 21 15.85 11.59 2.26
CA ALA A 21 16.79 11.75 1.17
C ALA A 21 17.86 10.70 1.44
N PHE A 22 18.23 10.57 2.72
CA PHE A 22 19.21 9.57 3.12
C PHE A 22 18.64 8.18 2.82
N ALA A 23 17.39 7.96 3.21
CA ALA A 23 16.77 6.67 3.01
C ALA A 23 16.86 6.24 1.54
N LEU A 24 16.45 7.14 0.65
CA LEU A 24 16.45 6.86 -0.79
C LEU A 24 17.82 6.48 -1.34
N GLU A 25 18.82 7.33 -1.13
CA GLU A 25 20.15 7.04 -1.65
C GLU A 25 20.75 5.80 -1.01
N SER A 26 20.50 5.64 0.28
CA SER A 26 21.00 4.51 1.04
C SER A 26 20.52 3.18 0.46
N LEU A 27 19.30 3.19 -0.07
CA LEU A 27 18.69 2.00 -0.66
C LEU A 27 18.87 1.96 -2.17
N GLY A 28 19.55 2.97 -2.71
CA GLY A 28 19.78 3.04 -4.14
C GLY A 28 18.53 3.29 -4.95
N LEU A 29 17.60 4.06 -4.39
CA LEU A 29 16.34 4.36 -5.07
C LEU A 29 16.29 5.81 -5.54
N GLU A 30 15.64 6.03 -6.67
CA GLU A 30 15.49 7.37 -7.20
C GLU A 30 14.15 7.91 -6.70
N GLY A 31 14.16 9.12 -6.18
CA GLY A 31 12.94 9.71 -5.68
C GLY A 31 13.19 11.01 -4.95
N SER A 32 12.10 11.62 -4.48
CA SER A 32 12.19 12.87 -3.75
C SER A 32 11.22 12.85 -2.59
N TYR A 33 11.48 13.72 -1.62
CA TYR A 33 10.66 13.87 -0.43
C TYR A 33 10.71 15.35 -0.11
N GLU A 34 9.61 16.05 -0.37
CA GLU A 34 9.50 17.48 -0.15
C GLU A 34 8.57 17.85 1.01
N ALA A 35 8.70 19.09 1.48
CA ALA A 35 7.85 19.61 2.54
C ALA A 35 6.82 20.47 1.82
N TRP A 36 5.54 20.15 2.01
CA TRP A 36 4.47 20.90 1.33
C TRP A 36 3.53 21.51 2.36
N ASP A 37 3.65 22.83 2.56
CA ASP A 37 2.81 23.53 3.52
C ASP A 37 1.34 23.28 3.21
N THR A 38 0.63 22.69 4.17
CA THR A 38 -0.77 22.37 3.98
C THR A 38 -1.62 22.72 5.20
N PRO A 39 -2.39 23.81 5.11
CA PRO A 39 -3.24 24.23 6.23
C PRO A 39 -4.48 23.32 6.24
N LEU A 40 -5.08 23.16 7.40
CA LEU A 40 -6.26 22.30 7.52
C LEU A 40 -7.29 22.45 6.40
N GLU A 41 -7.64 23.70 6.07
CA GLU A 41 -8.64 23.94 5.03
C GLU A 41 -8.16 23.44 3.66
N ALA A 42 -6.85 23.29 3.50
CA ALA A 42 -6.30 22.83 2.23
C ALA A 42 -6.16 21.30 2.16
N LEU A 43 -6.31 20.64 3.29
CA LEU A 43 -6.18 19.18 3.37
C LEU A 43 -6.99 18.36 2.35
N PRO A 44 -8.31 18.62 2.23
CA PRO A 44 -9.12 17.87 1.27
C PRO A 44 -8.58 17.92 -0.16
N GLY A 45 -8.29 19.13 -0.64
CA GLY A 45 -7.78 19.26 -1.98
C GLY A 45 -6.37 18.68 -2.10
N ARG A 46 -5.63 18.75 -1.00
CA ARG A 46 -4.27 18.24 -0.95
C ARG A 46 -4.22 16.72 -1.08
N LEU A 47 -5.15 16.04 -0.43
CA LEU A 47 -5.18 14.58 -0.52
C LEU A 47 -5.62 14.13 -1.91
N LYS A 48 -6.41 14.98 -2.58
CA LYS A 48 -6.86 14.67 -3.93
C LYS A 48 -5.65 14.61 -4.83
N GLU A 49 -4.72 15.55 -4.61
CA GLU A 49 -3.50 15.61 -5.39
C GLU A 49 -2.61 14.43 -5.06
N VAL A 50 -2.56 14.07 -3.77
CA VAL A 50 -1.75 12.94 -3.32
C VAL A 50 -2.17 11.68 -4.07
N ARG A 51 -3.47 11.53 -4.30
CA ARG A 51 -3.98 10.37 -5.00
C ARG A 51 -3.41 10.22 -6.39
N ARG A 52 -3.06 11.34 -7.01
CA ARG A 52 -2.54 11.32 -8.38
C ARG A 52 -1.03 11.36 -8.55
N ALA A 53 -0.33 12.08 -7.68
CA ALA A 53 1.11 12.23 -7.86
C ALA A 53 2.10 11.81 -6.77
N PHE A 54 1.63 11.20 -5.68
CA PHE A 54 2.56 10.79 -4.63
C PHE A 54 2.35 9.33 -4.24
N ARG A 55 3.44 8.63 -3.97
CA ARG A 55 3.35 7.23 -3.55
C ARG A 55 2.93 7.19 -2.09
N GLY A 56 3.36 8.19 -1.33
CA GLY A 56 3.02 8.27 0.07
C GLY A 56 3.38 9.60 0.67
N VAL A 57 2.78 9.93 1.80
CA VAL A 57 3.09 11.19 2.46
C VAL A 57 2.97 10.98 3.95
N ASN A 58 3.70 11.79 4.69
CA ASN A 58 3.63 11.78 6.15
C ASN A 58 2.73 12.97 6.45
N LEU A 59 2.00 12.90 7.56
CA LEU A 59 1.12 13.99 7.94
C LEU A 59 1.55 14.49 9.30
N THR A 60 1.53 15.81 9.47
CA THR A 60 1.91 16.41 10.74
C THR A 60 0.82 17.43 11.09
N LEU A 61 1.00 18.20 12.16
CA LEU A 61 -0.01 19.20 12.55
C LEU A 61 -0.38 20.12 11.40
N PRO A 62 -1.67 20.49 11.31
CA PRO A 62 -2.75 20.07 12.21
C PRO A 62 -3.67 19.17 11.40
N LEU A 63 -3.08 18.21 10.70
CA LEU A 63 -3.84 17.34 9.80
C LEU A 63 -4.06 15.88 10.20
N LYS A 64 -3.36 15.40 11.24
CA LYS A 64 -3.46 14.00 11.62
C LYS A 64 -4.82 13.42 11.99
N GLU A 65 -5.68 14.22 12.61
CA GLU A 65 -7.00 13.71 12.98
C GLU A 65 -8.02 13.93 11.88
N ALA A 66 -7.97 15.09 11.26
CA ALA A 66 -8.91 15.42 10.20
C ALA A 66 -8.75 14.52 8.98
N ALA A 67 -7.55 13.97 8.80
CA ALA A 67 -7.27 13.13 7.64
C ALA A 67 -8.08 11.83 7.53
N LEU A 68 -8.34 11.19 8.67
CA LEU A 68 -9.08 9.92 8.66
C LEU A 68 -10.36 9.92 7.84
N ALA A 69 -11.11 11.02 7.89
CA ALA A 69 -12.36 11.11 7.16
C ALA A 69 -12.19 11.16 5.65
N HIS A 70 -10.99 11.50 5.18
CA HIS A 70 -10.75 11.59 3.74
C HIS A 70 -9.94 10.43 3.18
N LEU A 71 -9.84 9.34 3.94
CA LEU A 71 -9.08 8.18 3.48
C LEU A 71 -10.00 7.02 3.14
N ASP A 72 -9.53 6.12 2.28
CA ASP A 72 -10.35 4.98 1.87
C ASP A 72 -10.31 3.86 2.91
N TRP A 73 -9.26 3.81 3.69
CA TRP A 73 -9.08 2.76 4.71
C TRP A 73 -8.14 3.30 5.77
N VAL A 74 -8.42 2.98 7.04
CA VAL A 74 -7.55 3.39 8.14
C VAL A 74 -7.22 2.13 8.93
N SER A 75 -5.94 1.98 9.29
CA SER A 75 -5.52 0.79 10.03
C SER A 75 -6.24 0.70 11.37
N PRO A 76 -6.42 -0.53 11.87
CA PRO A 76 -7.10 -0.70 13.16
C PRO A 76 -6.45 0.15 14.24
N GLU A 77 -5.11 0.20 14.25
CA GLU A 77 -4.40 1.01 15.25
C GLU A 77 -4.63 2.49 15.07
N ALA A 78 -4.59 2.97 13.82
CA ALA A 78 -4.79 4.38 13.58
C ALA A 78 -6.22 4.76 13.93
N GLN A 79 -7.15 3.81 13.83
CA GLN A 79 -8.54 4.10 14.17
C GLN A 79 -8.66 4.36 15.67
N ARG A 80 -8.05 3.49 16.46
CA ARG A 80 -8.11 3.62 17.91
C ARG A 80 -7.38 4.89 18.34
N ILE A 81 -6.21 5.14 17.76
CA ILE A 81 -5.44 6.32 18.10
C ILE A 81 -6.17 7.58 17.66
N GLY A 82 -6.89 7.48 16.53
CA GLY A 82 -7.59 8.63 16.01
C GLY A 82 -6.68 9.58 15.26
N ALA A 83 -5.52 9.08 14.85
CA ALA A 83 -4.58 9.92 14.12
C ALA A 83 -3.77 9.08 13.15
N VAL A 84 -3.56 9.64 11.97
CA VAL A 84 -2.79 8.98 10.92
C VAL A 84 -1.59 9.87 10.62
N ASN A 85 -0.39 9.28 10.65
CA ASN A 85 0.82 10.05 10.36
C ASN A 85 1.47 9.56 9.05
N THR A 86 0.95 8.47 8.51
CA THR A 86 1.49 7.92 7.27
C THR A 86 0.37 7.48 6.33
N VAL A 87 0.43 7.97 5.09
CA VAL A 87 -0.56 7.62 4.09
C VAL A 87 0.12 6.97 2.88
N LEU A 88 -0.43 5.85 2.42
CA LEU A 88 0.07 5.12 1.26
C LEU A 88 -0.92 5.30 0.12
N GLN A 89 -0.44 5.61 -1.08
CA GLN A 89 -1.32 5.77 -2.24
C GLN A 89 -1.11 4.61 -3.22
N VAL A 90 -2.20 3.88 -3.49
CA VAL A 90 -2.17 2.76 -4.43
C VAL A 90 -3.44 2.85 -5.28
N GLU A 91 -3.27 2.87 -6.60
CA GLU A 91 -4.37 2.98 -7.55
C GLU A 91 -5.31 4.15 -7.27
N GLY A 92 -4.73 5.23 -6.76
CA GLY A 92 -5.50 6.43 -6.44
C GLY A 92 -6.29 6.35 -5.16
N ARG A 93 -6.10 5.26 -4.41
CA ARG A 93 -6.77 5.05 -3.13
C ARG A 93 -5.76 5.43 -2.04
N LEU A 94 -6.26 5.92 -0.91
CA LEU A 94 -5.39 6.31 0.19
C LEU A 94 -5.63 5.44 1.41
N PHE A 95 -4.56 4.86 1.95
CA PHE A 95 -4.60 3.98 3.12
C PHE A 95 -3.86 4.69 4.27
N GLY A 96 -4.48 4.77 5.45
CA GLY A 96 -3.83 5.44 6.56
C GLY A 96 -3.27 4.55 7.65
N PHE A 97 -2.08 4.88 8.13
CA PHE A 97 -1.42 4.09 9.17
C PHE A 97 -0.83 5.03 10.20
N ASN A 98 -0.37 4.46 11.29
CA ASN A 98 0.28 5.30 12.30
C ASN A 98 1.59 4.66 12.67
N THR A 99 2.69 5.29 12.26
CA THR A 99 3.99 4.74 12.61
C THR A 99 4.58 5.42 13.84
N ASP A 100 3.89 6.43 14.39
CA ASP A 100 4.38 7.10 15.62
C ASP A 100 4.39 6.11 16.76
N ALA A 101 3.34 5.30 16.87
CA ALA A 101 3.27 4.32 17.97
C ALA A 101 4.39 3.27 17.94
N PRO A 102 4.50 2.49 16.85
CA PRO A 102 5.57 1.48 16.83
C PRO A 102 6.96 2.12 16.83
N GLY A 103 7.06 3.30 16.23
CA GLY A 103 8.35 4.01 16.19
C GLY A 103 8.80 4.37 17.59
N PHE A 104 7.86 4.77 18.42
CA PHE A 104 8.18 5.13 19.80
C PHE A 104 8.80 3.96 20.57
N LEU A 105 8.20 2.77 20.48
CA LEU A 105 8.72 1.60 21.17
C LEU A 105 10.11 1.22 20.64
N GLU A 106 10.31 1.33 19.33
CA GLU A 106 11.62 0.99 18.75
C GLU A 106 12.67 1.98 19.26
N ALA A 107 12.29 3.26 19.32
CA ALA A 107 13.20 4.30 19.81
C ALA A 107 13.58 4.07 21.27
N LEU A 108 12.60 3.66 22.09
CA LEU A 108 12.87 3.39 23.49
C LEU A 108 13.94 2.31 23.63
N LYS A 109 13.80 1.22 22.88
CA LYS A 109 14.79 0.15 22.96
C LYS A 109 16.15 0.64 22.51
N ALA A 110 16.17 1.45 21.46
CA ALA A 110 17.42 2.00 20.92
C ALA A 110 18.10 2.92 21.93
N GLY A 111 17.33 3.45 22.88
CA GLY A 111 17.90 4.34 23.87
C GLY A 111 18.17 3.73 25.23
N GLY A 112 17.95 2.42 25.34
CA GLY A 112 18.17 1.75 26.61
C GLY A 112 17.20 2.20 27.68
N ILE A 113 16.05 2.72 27.26
CA ILE A 113 15.05 3.17 28.21
C ILE A 113 14.27 1.93 28.63
N PRO A 114 14.34 1.56 29.91
CA PRO A 114 13.63 0.38 30.40
C PRO A 114 12.10 0.49 30.31
N LEU A 115 11.46 -0.58 29.88
CA LEU A 115 10.02 -0.57 29.77
C LEU A 115 9.42 -0.80 31.14
N LYS A 116 9.54 0.22 31.98
CA LYS A 116 9.02 0.15 33.34
C LYS A 116 8.09 1.31 33.61
N GLY A 117 6.93 0.99 34.18
CA GLY A 117 5.96 2.02 34.51
C GLY A 117 5.97 2.29 35.99
N PRO A 118 5.03 3.11 36.49
CA PRO A 118 3.98 3.78 35.71
C PRO A 118 4.60 4.75 34.71
N ALA A 119 4.04 4.80 33.51
CA ALA A 119 4.52 5.69 32.46
C ALA A 119 3.46 6.79 32.32
N LEU A 120 3.88 8.05 32.51
CA LEU A 120 2.94 9.18 32.38
C LEU A 120 3.17 9.93 31.07
N VAL A 121 2.12 10.01 30.28
CA VAL A 121 2.17 10.70 29.00
C VAL A 121 1.50 12.07 29.20
N LEU A 122 2.26 13.12 28.96
CA LEU A 122 1.72 14.47 29.09
C LEU A 122 1.23 14.89 27.71
N GLY A 123 -0.06 15.19 27.61
CA GLY A 123 -0.63 15.59 26.34
C GLY A 123 -1.45 14.45 25.77
N ALA A 124 -2.73 14.70 25.50
CA ALA A 124 -3.59 13.65 24.96
C ALA A 124 -4.07 13.94 23.55
N GLY A 125 -3.22 14.59 22.77
CA GLY A 125 -3.55 14.89 21.38
C GLY A 125 -3.12 13.68 20.55
N GLY A 126 -2.94 13.86 19.23
CA GLY A 126 -2.55 12.75 18.38
C GLY A 126 -1.25 12.04 18.75
N ALA A 127 -0.21 12.80 19.08
CA ALA A 127 1.06 12.23 19.46
C ALA A 127 0.95 11.52 20.80
N GLY A 128 0.27 12.17 21.74
CA GLY A 128 0.09 11.59 23.06
C GLY A 128 -0.73 10.32 22.98
N ARG A 129 -1.75 10.31 22.13
CA ARG A 129 -2.56 9.10 22.01
C ARG A 129 -1.76 7.96 21.39
N ALA A 130 -0.84 8.30 20.50
CA ALA A 130 -0.03 7.27 19.86
C ALA A 130 0.95 6.68 20.87
N VAL A 131 1.55 7.54 21.68
CA VAL A 131 2.50 7.08 22.71
C VAL A 131 1.78 6.21 23.75
N ALA A 132 0.62 6.68 24.21
CA ALA A 132 -0.15 5.93 25.18
C ALA A 132 -0.53 4.55 24.60
N PHE A 133 -0.93 4.54 23.33
CA PHE A 133 -1.29 3.29 22.66
C PHE A 133 -0.10 2.32 22.62
N ALA A 134 1.06 2.85 22.27
CA ALA A 134 2.26 2.04 22.19
C ALA A 134 2.67 1.48 23.56
N LEU A 135 2.64 2.33 24.60
CA LEU A 135 3.02 1.87 25.93
C LEU A 135 2.03 0.85 26.45
N ARG A 136 0.76 0.99 26.04
CA ARG A 136 -0.27 0.03 26.48
C ARG A 136 0.02 -1.31 25.81
N GLU A 137 0.36 -1.25 24.53
CA GLU A 137 0.64 -2.45 23.75
C GLU A 137 1.85 -3.18 24.33
N ALA A 138 2.80 -2.40 24.85
CA ALA A 138 4.01 -2.97 25.45
C ALA A 138 3.73 -3.58 26.83
N GLY A 139 2.50 -3.44 27.31
CA GLY A 139 2.14 -4.01 28.59
C GLY A 139 2.46 -3.21 29.84
N LEU A 140 2.67 -1.91 29.71
CA LEU A 140 2.97 -1.11 30.91
C LEU A 140 1.74 -0.46 31.48
N GLU A 141 1.85 -0.05 32.74
CA GLU A 141 0.79 0.68 33.42
C GLU A 141 0.97 2.11 32.90
N VAL A 142 -0.07 2.65 32.27
CA VAL A 142 0.02 4.00 31.70
C VAL A 142 -0.91 5.01 32.37
N TRP A 143 -0.39 6.21 32.62
CA TRP A 143 -1.17 7.30 33.20
C TRP A 143 -1.16 8.39 32.13
N VAL A 144 -2.21 9.19 32.09
CA VAL A 144 -2.28 10.27 31.12
C VAL A 144 -2.78 11.57 31.75
N TRP A 145 -2.29 12.68 31.24
CA TRP A 145 -2.71 13.99 31.71
C TRP A 145 -2.79 14.91 30.49
N ASN A 146 -3.66 15.91 30.56
CA ASN A 146 -3.83 16.87 29.49
C ASN A 146 -4.29 18.19 30.12
N ARG A 147 -3.90 19.32 29.55
CA ARG A 147 -4.31 20.61 30.12
C ARG A 147 -5.82 20.67 30.28
N THR A 148 -6.53 20.02 29.37
CA THR A 148 -7.99 19.94 29.43
C THR A 148 -8.27 18.48 29.81
N PRO A 149 -8.66 18.23 31.08
CA PRO A 149 -8.93 16.89 31.58
C PRO A 149 -9.81 15.94 30.77
N GLN A 150 -10.89 16.43 30.16
CA GLN A 150 -11.75 15.54 29.41
C GLN A 150 -11.03 14.75 28.31
N ARG A 151 -10.02 15.37 27.70
CA ARG A 151 -9.26 14.72 26.63
C ARG A 151 -8.45 13.54 27.19
N ALA A 152 -7.89 13.74 28.37
CA ALA A 152 -7.12 12.68 29.03
C ALA A 152 -8.07 11.62 29.54
N LEU A 153 -9.24 12.03 30.03
CA LEU A 153 -10.21 11.08 30.53
C LEU A 153 -10.71 10.19 29.41
N ALA A 154 -11.06 10.81 28.28
CA ALA A 154 -11.55 10.06 27.13
C ALA A 154 -10.53 9.00 26.74
N LEU A 155 -9.26 9.40 26.70
CA LEU A 155 -8.18 8.49 26.34
C LEU A 155 -8.07 7.34 27.35
N ALA A 156 -8.01 7.69 28.63
CA ALA A 156 -7.90 6.66 29.66
C ALA A 156 -9.09 5.69 29.61
N GLU A 157 -10.29 6.22 29.40
CA GLU A 157 -11.48 5.38 29.36
C GLU A 157 -11.50 4.50 28.12
N GLU A 158 -11.10 5.06 26.98
CA GLU A 158 -11.09 4.29 25.73
C GLU A 158 -10.04 3.19 25.71
N PHE A 159 -8.85 3.49 26.22
CA PHE A 159 -7.76 2.52 26.23
C PHE A 159 -7.65 1.72 27.52
N GLY A 160 -8.44 2.10 28.53
CA GLY A 160 -8.39 1.41 29.80
C GLY A 160 -7.16 1.78 30.61
N LEU A 161 -6.82 3.07 30.64
CA LEU A 161 -5.67 3.57 31.38
C LEU A 161 -6.15 4.38 32.59
N ARG A 162 -5.28 5.25 33.11
CA ARG A 162 -5.64 6.07 34.27
C ARG A 162 -5.35 7.56 34.02
N ALA A 163 -6.35 8.41 34.16
CA ALA A 163 -6.16 9.84 33.98
C ALA A 163 -5.75 10.37 35.36
N VAL A 164 -4.68 11.15 35.40
CA VAL A 164 -4.21 11.66 36.69
C VAL A 164 -3.95 13.15 36.71
N PRO A 165 -3.94 13.74 37.92
CA PRO A 165 -3.68 15.17 38.02
C PRO A 165 -2.17 15.25 37.81
N LEU A 166 -1.68 16.41 37.38
CA LEU A 166 -0.26 16.58 37.08
C LEU A 166 0.78 16.24 38.15
N GLU A 167 0.42 16.42 39.43
CA GLU A 167 1.39 16.14 40.50
C GLU A 167 1.77 14.66 40.63
N LYS A 168 1.01 13.79 39.99
CA LYS A 168 1.31 12.36 40.04
C LYS A 168 2.59 12.09 39.25
N ALA A 169 3.08 13.09 38.54
CA ALA A 169 4.31 12.92 37.76
C ALA A 169 5.47 12.54 38.68
N ARG A 170 5.38 12.92 39.95
CA ARG A 170 6.43 12.61 40.91
C ARG A 170 6.52 11.11 41.19
N GLU A 171 5.44 10.39 40.87
CA GLU A 171 5.40 8.95 41.10
C GLU A 171 5.59 8.12 39.83
N ALA A 172 5.75 8.78 38.69
CA ALA A 172 5.95 8.05 37.43
C ALA A 172 7.40 7.62 37.32
N ARG A 173 7.65 6.55 36.56
CA ARG A 173 9.01 6.07 36.34
C ARG A 173 9.46 6.41 34.94
N LEU A 174 8.50 6.68 34.06
CA LEU A 174 8.78 7.07 32.69
C LEU A 174 7.86 8.25 32.42
N LEU A 175 8.44 9.37 32.02
CA LEU A 175 7.66 10.57 31.74
C LEU A 175 7.88 10.94 30.27
N VAL A 176 6.81 11.12 29.52
CA VAL A 176 6.94 11.47 28.11
C VAL A 176 6.22 12.77 27.79
N ASN A 177 6.95 13.74 27.23
CA ASN A 177 6.27 14.97 26.87
C ASN A 177 5.72 14.85 25.46
N ALA A 178 4.39 14.81 25.37
CA ALA A 178 3.71 14.73 24.09
C ALA A 178 2.86 15.99 23.90
N THR A 179 3.24 17.06 24.59
CA THR A 179 2.54 18.33 24.44
C THR A 179 3.44 19.16 23.54
N ARG A 180 2.98 20.32 23.09
CA ARG A 180 3.86 21.14 22.28
C ARG A 180 4.54 22.21 23.13
N VAL A 181 4.39 22.10 24.46
CA VAL A 181 5.02 23.05 25.37
C VAL A 181 6.53 22.84 25.23
N GLY A 182 7.25 23.91 24.97
CA GLY A 182 8.68 23.79 24.82
C GLY A 182 9.13 23.96 23.39
N LEU A 183 8.21 23.80 22.45
CA LEU A 183 8.54 23.94 21.03
C LEU A 183 9.04 25.37 20.77
N GLU A 184 10.26 25.47 20.27
CA GLU A 184 10.90 26.75 19.97
C GLU A 184 10.80 27.75 21.13
N ASP A 185 10.85 27.25 22.37
CA ASP A 185 10.76 28.12 23.53
C ASP A 185 11.55 27.51 24.70
N PRO A 186 12.87 27.80 24.77
CA PRO A 186 13.72 27.27 25.85
C PRO A 186 13.30 27.64 27.26
N SER A 187 12.38 28.60 27.39
CA SER A 187 11.93 29.03 28.70
C SER A 187 10.70 28.28 29.20
N ALA A 188 10.12 27.46 28.34
CA ALA A 188 8.91 26.76 28.71
C ALA A 188 9.02 25.25 28.83
N SER A 189 8.34 24.73 29.84
CA SER A 189 8.31 23.30 30.11
C SER A 189 6.89 22.97 30.59
N PRO A 190 6.37 21.81 30.17
CA PRO A 190 5.02 21.39 30.55
C PRO A 190 4.88 20.99 32.01
N LEU A 191 6.02 20.82 32.67
CA LEU A 191 6.01 20.38 34.07
C LEU A 191 6.91 21.22 34.99
N PRO A 192 6.36 21.72 36.11
CA PRO A 192 7.17 22.50 37.05
C PRO A 192 8.29 21.57 37.52
N ALA A 193 9.50 22.09 37.69
CA ALA A 193 10.65 21.28 38.12
C ALA A 193 10.41 20.40 39.35
N GLU A 194 9.68 20.93 40.33
CA GLU A 194 9.38 20.18 41.54
C GLU A 194 8.42 19.00 41.37
N LEU A 195 7.84 18.84 40.17
CA LEU A 195 6.92 17.73 39.94
C LEU A 195 7.59 16.55 39.25
N PHE A 196 8.86 16.70 38.90
CA PHE A 196 9.60 15.60 38.28
C PHE A 196 9.89 14.52 39.31
N PRO A 197 9.95 13.24 38.87
CA PRO A 197 10.25 12.15 39.82
C PRO A 197 11.77 12.21 40.10
N GLU A 198 12.21 11.71 41.25
CA GLU A 198 13.66 11.75 41.59
C GLU A 198 14.42 10.59 40.93
N GLU A 199 13.68 9.69 40.27
CA GLU A 199 14.30 8.56 39.57
C GLU A 199 13.44 8.06 38.42
N GLY A 200 14.09 7.54 37.38
CA GLY A 200 13.38 7.04 36.23
C GLY A 200 13.92 7.57 34.91
N ALA A 201 13.05 7.73 33.92
CA ALA A 201 13.45 8.22 32.61
C ALA A 201 12.44 9.23 32.03
N ALA A 202 12.91 10.03 31.08
CA ALA A 202 12.06 11.04 30.43
C ALA A 202 12.37 11.09 28.94
N VAL A 203 11.32 11.26 28.15
CA VAL A 203 11.45 11.34 26.69
C VAL A 203 10.66 12.55 26.21
N ASP A 204 11.23 13.33 25.30
CA ASP A 204 10.53 14.50 24.79
C ASP A 204 10.35 14.34 23.27
N LEU A 205 9.12 14.49 22.79
CA LEU A 205 8.84 14.38 21.36
C LEU A 205 9.25 15.67 20.65
N VAL A 206 9.29 16.78 21.40
CA VAL A 206 9.70 18.07 20.84
C VAL A 206 11.21 17.99 20.63
N TYR A 207 11.66 18.32 19.43
CA TYR A 207 13.09 18.28 19.13
C TYR A 207 13.61 19.63 18.58
N ARG A 208 12.84 20.69 18.79
CA ARG A 208 13.22 22.05 18.41
C ARG A 208 12.86 22.97 19.57
N PRO A 209 13.85 23.33 20.41
CA PRO A 209 15.27 22.96 20.38
C PRO A 209 15.48 21.47 20.69
N LEU A 210 16.66 20.93 20.35
CA LEU A 210 16.92 19.52 20.63
C LEU A 210 16.90 19.25 22.13
N TRP A 211 17.66 20.05 22.88
CA TRP A 211 17.69 19.91 24.32
C TRP A 211 16.77 20.92 24.95
N THR A 212 15.51 20.55 25.02
CA THR A 212 14.44 21.37 25.56
C THR A 212 14.60 21.61 27.05
N ARG A 213 13.85 22.58 27.57
CA ARG A 213 13.91 22.87 28.98
C ARG A 213 13.51 21.60 29.75
N PHE A 214 12.43 20.95 29.32
CA PHE A 214 11.95 19.71 29.93
C PHE A 214 13.07 18.64 30.05
N LEU A 215 13.78 18.41 28.97
CA LEU A 215 14.84 17.41 28.98
C LEU A 215 16.02 17.82 29.86
N ARG A 216 16.36 19.10 29.83
CA ARG A 216 17.46 19.59 30.66
C ARG A 216 17.07 19.46 32.12
N GLU A 217 15.80 19.70 32.44
CA GLU A 217 15.36 19.58 33.83
C GLU A 217 15.41 18.11 34.24
N ALA A 218 14.95 17.23 33.35
CA ALA A 218 14.94 15.81 33.64
C ALA A 218 16.36 15.28 33.85
N LYS A 219 17.28 15.68 32.97
CA LYS A 219 18.64 15.19 33.11
C LYS A 219 19.25 15.69 34.43
N ALA A 220 19.06 16.97 34.74
CA ALA A 220 19.60 17.52 35.99
C ALA A 220 18.98 16.92 37.25
N LYS A 221 17.78 16.38 37.09
CA LYS A 221 17.02 15.77 38.19
C LYS A 221 17.49 14.35 38.51
N GLY A 222 18.31 13.79 37.63
CA GLY A 222 18.78 12.44 37.86
C GLY A 222 17.94 11.41 37.13
N LEU A 223 17.38 11.79 35.98
CA LEU A 223 16.58 10.87 35.17
C LEU A 223 17.34 10.54 33.90
N LYS A 224 17.12 9.34 33.38
CA LYS A 224 17.75 8.94 32.12
C LYS A 224 16.89 9.64 31.05
N VAL A 225 17.51 10.18 30.00
CA VAL A 225 16.72 10.89 29.00
C VAL A 225 16.96 10.51 27.55
N GLN A 226 15.98 10.82 26.71
CA GLN A 226 16.08 10.57 25.28
C GLN A 226 15.42 11.73 24.55
N THR A 227 16.08 12.25 23.51
CA THR A 227 15.54 13.35 22.74
C THR A 227 14.47 12.80 21.79
N GLY A 228 13.87 13.69 21.01
CA GLY A 228 12.82 13.26 20.10
C GLY A 228 13.33 12.75 18.77
N LEU A 229 14.64 12.81 18.55
CA LEU A 229 15.18 12.34 17.27
C LEU A 229 15.05 10.83 17.03
N PRO A 230 15.33 10.00 18.04
CA PRO A 230 15.21 8.56 17.78
C PRO A 230 13.79 8.18 17.33
N MET A 231 12.76 8.74 17.95
CA MET A 231 11.38 8.43 17.55
C MET A 231 11.12 8.98 16.15
N LEU A 232 11.63 10.17 15.86
CA LEU A 232 11.43 10.77 14.55
C LEU A 232 11.99 9.85 13.47
N ALA A 233 13.19 9.32 13.72
CA ALA A 233 13.86 8.44 12.77
C ALA A 233 13.17 7.10 12.59
N TRP A 234 12.70 6.51 13.68
CA TRP A 234 12.01 5.24 13.59
C TRP A 234 10.64 5.33 12.95
N GLN A 235 9.84 6.34 13.32
CA GLN A 235 8.54 6.44 12.69
C GLN A 235 8.72 6.66 11.19
N GLY A 236 9.82 7.36 10.83
CA GLY A 236 10.10 7.61 9.43
C GLY A 236 10.54 6.35 8.69
N ALA A 237 11.45 5.58 9.28
CA ALA A 237 11.92 4.35 8.65
C ALA A 237 10.76 3.39 8.46
N LEU A 238 9.90 3.32 9.47
CA LEU A 238 8.74 2.44 9.38
C LEU A 238 7.79 2.88 8.29
N ALA A 239 7.64 4.18 8.10
CA ALA A 239 6.74 4.68 7.06
C ALA A 239 7.33 4.33 5.69
N PHE A 240 8.65 4.47 5.56
CA PHE A 240 9.31 4.16 4.31
C PHE A 240 9.10 2.68 3.93
N ARG A 241 9.16 1.80 4.93
CA ARG A 241 8.94 0.39 4.67
C ARG A 241 7.49 0.18 4.26
N LEU A 242 6.55 0.90 4.87
CA LEU A 242 5.15 0.76 4.47
C LEU A 242 5.01 1.12 3.00
N TRP A 243 5.66 2.20 2.59
CA TRP A 243 5.57 2.65 1.20
C TRP A 243 6.26 1.78 0.17
N THR A 244 7.42 1.19 0.53
CA THR A 244 8.20 0.42 -0.44
C THR A 244 8.46 -1.06 -0.16
N GLY A 245 8.32 -1.46 1.10
CA GLY A 245 8.61 -2.83 1.47
C GLY A 245 10.07 -2.92 1.91
N LEU A 246 10.76 -1.80 1.90
CA LEU A 246 12.17 -1.75 2.30
C LEU A 246 12.37 -0.93 3.56
N LEU A 247 13.22 -1.41 4.48
CA LEU A 247 13.47 -0.67 5.71
C LEU A 247 14.84 0.06 5.67
N PRO A 248 14.83 1.39 5.58
CA PRO A 248 16.10 2.12 5.56
C PRO A 248 16.67 2.06 6.99
N ASP A 249 17.99 2.27 7.13
CA ASP A 249 18.61 2.21 8.45
C ASP A 249 18.15 3.36 9.34
N PRO A 250 17.45 3.04 10.45
CA PRO A 250 16.95 4.06 11.38
C PRO A 250 18.02 4.97 11.97
N SER A 251 19.15 4.38 12.35
CA SER A 251 20.24 5.16 12.91
C SER A 251 20.78 6.14 11.88
N GLY A 252 20.80 5.70 10.62
CA GLY A 252 21.28 6.57 9.55
C GLY A 252 20.34 7.74 9.37
N MET A 253 19.03 7.47 9.46
CA MET A 253 18.06 8.53 9.32
C MET A 253 18.14 9.49 10.51
N GLU A 254 18.46 8.97 11.68
CA GLU A 254 18.55 9.82 12.87
C GLU A 254 19.71 10.78 12.67
N GLU A 255 20.85 10.23 12.26
CA GLU A 255 22.04 11.02 12.01
C GLU A 255 21.78 12.13 10.99
N ALA A 256 21.00 11.80 9.96
CA ALA A 256 20.66 12.75 8.92
C ALA A 256 19.81 13.91 9.44
N ALA A 257 18.91 13.61 10.37
CA ALA A 257 18.04 14.66 10.93
C ALA A 257 18.85 15.55 11.85
N ARG A 258 19.78 14.94 12.56
CA ARG A 258 20.64 15.64 13.49
C ARG A 258 21.43 16.70 12.74
N ARG A 259 22.00 16.30 11.60
CA ARG A 259 22.80 17.22 10.80
C ARG A 259 21.94 18.27 10.11
N ALA A 260 20.65 18.00 9.99
CA ALA A 260 19.73 18.94 9.32
C ALA A 260 19.18 20.06 10.21
N LEU A 261 19.24 19.91 11.53
CA LEU A 261 18.74 20.97 12.39
C LEU A 261 19.83 22.00 12.71
N MET B 1 14.92 -8.15 2.40
CA MET B 1 14.65 -8.32 0.94
C MET B 1 13.15 -8.40 0.63
N LEU B 2 12.82 -8.28 -0.64
CA LEU B 2 11.43 -8.34 -1.10
C LEU B 2 11.03 -9.75 -1.44
N ARG B 3 9.95 -10.23 -0.81
CA ARG B 3 9.46 -11.58 -1.05
C ARG B 3 8.08 -11.55 -1.70
N PHE B 4 8.00 -12.09 -2.92
CA PHE B 4 6.77 -12.16 -3.67
C PHE B 4 6.52 -13.59 -4.15
N ALA B 5 5.31 -13.86 -4.63
CA ALA B 5 4.98 -15.18 -5.14
C ALA B 5 3.69 -15.15 -5.93
N VAL B 6 3.49 -16.18 -6.74
CA VAL B 6 2.23 -16.33 -7.48
C VAL B 6 1.64 -17.60 -6.87
N LEU B 7 0.41 -17.49 -6.41
CA LEU B 7 -0.29 -18.60 -5.79
C LEU B 7 -1.38 -19.12 -6.71
N GLY B 8 -1.44 -20.44 -6.85
CA GLY B 8 -2.44 -21.02 -7.71
C GLY B 8 -2.16 -22.50 -7.86
N HIS B 9 -3.03 -23.19 -8.58
CA HIS B 9 -2.89 -24.62 -8.80
C HIS B 9 -3.52 -24.92 -10.15
N PRO B 10 -2.69 -25.24 -11.17
CA PRO B 10 -1.23 -25.34 -11.09
C PRO B 10 -0.57 -23.99 -11.39
N VAL B 11 0.67 -23.83 -10.96
CA VAL B 11 1.43 -22.61 -11.22
C VAL B 11 2.82 -22.99 -11.72
N ALA B 12 3.03 -24.28 -11.91
CA ALA B 12 4.32 -24.76 -12.40
C ALA B 12 4.66 -24.23 -13.80
N HIS B 13 3.64 -23.78 -14.53
CA HIS B 13 3.85 -23.26 -15.89
C HIS B 13 3.77 -21.74 -15.97
N SER B 14 3.75 -21.08 -14.81
CA SER B 14 3.66 -19.63 -14.77
C SER B 14 4.92 -18.92 -15.23
N LEU B 15 4.73 -17.87 -16.02
CA LEU B 15 5.84 -17.08 -16.53
C LEU B 15 6.09 -15.88 -15.61
N SER B 16 5.33 -15.77 -14.52
CA SER B 16 5.50 -14.65 -13.60
C SER B 16 6.87 -14.64 -12.93
N PRO B 17 7.32 -15.78 -12.41
CA PRO B 17 8.64 -15.78 -11.77
C PRO B 17 9.73 -15.27 -12.73
N ALA B 18 9.65 -15.65 -14.01
CA ALA B 18 10.62 -15.21 -14.99
C ALA B 18 10.57 -13.70 -15.16
N MET B 19 9.36 -13.18 -15.36
CA MET B 19 9.18 -11.73 -15.54
C MET B 19 9.60 -10.87 -14.34
N HIS B 20 9.25 -11.31 -13.14
CA HIS B 20 9.57 -10.55 -11.95
C HIS B 20 11.03 -10.65 -11.53
N ALA B 21 11.72 -11.70 -11.97
CA ALA B 21 13.14 -11.82 -11.65
C ALA B 21 13.79 -10.68 -12.43
N PHE B 22 13.27 -10.42 -13.63
CA PHE B 22 13.80 -9.32 -14.45
C PHE B 22 13.41 -8.00 -13.82
N ALA B 23 12.20 -7.93 -13.27
CA ALA B 23 11.74 -6.71 -12.63
C ALA B 23 12.68 -6.33 -11.50
N LEU B 24 12.94 -7.29 -10.60
CA LEU B 24 13.83 -7.04 -9.46
C LEU B 24 15.23 -6.63 -9.91
N GLU B 25 15.79 -7.43 -10.80
CA GLU B 25 17.13 -7.20 -11.33
C GLU B 25 17.25 -5.83 -11.98
N SER B 26 16.40 -5.58 -12.98
CA SER B 26 16.43 -4.31 -13.71
C SER B 26 16.28 -3.09 -12.80
N LEU B 27 15.46 -3.21 -11.75
CA LEU B 27 15.26 -2.09 -10.85
C LEU B 27 16.30 -2.05 -9.73
N GLY B 28 17.27 -2.96 -9.78
CA GLY B 28 18.31 -2.99 -8.76
C GLY B 28 17.81 -3.27 -7.36
N LEU B 29 16.83 -4.17 -7.25
CA LEU B 29 16.25 -4.54 -5.97
C LEU B 29 16.61 -5.97 -5.59
N GLU B 30 16.67 -6.24 -4.30
CA GLU B 30 16.99 -7.59 -3.83
C GLU B 30 15.70 -8.25 -3.38
N GLY B 31 15.47 -9.46 -3.86
CA GLY B 31 14.25 -10.16 -3.49
C GLY B 31 14.03 -11.37 -4.35
N SER B 32 12.88 -12.00 -4.18
CA SER B 32 12.55 -13.18 -4.94
C SER B 32 11.06 -13.23 -5.24
N TYR B 33 10.72 -13.93 -6.32
CA TYR B 33 9.34 -14.11 -6.74
C TYR B 33 9.25 -15.60 -7.08
N GLU B 34 8.52 -16.34 -6.27
CA GLU B 34 8.39 -17.78 -6.49
C GLU B 34 6.99 -18.26 -6.76
N ALA B 35 6.90 -19.39 -7.45
CA ALA B 35 5.61 -20.02 -7.76
C ALA B 35 5.36 -20.97 -6.60
N TRP B 36 4.19 -20.87 -5.99
CA TRP B 36 3.86 -21.74 -4.86
C TRP B 36 2.50 -22.38 -5.08
N ASP B 37 2.52 -23.67 -5.45
CA ASP B 37 1.28 -24.38 -5.71
C ASP B 37 0.36 -24.23 -4.51
N THR B 38 -0.85 -23.74 -4.78
CA THR B 38 -1.79 -23.50 -3.72
C THR B 38 -3.20 -23.92 -4.09
N PRO B 39 -3.57 -25.17 -3.75
CA PRO B 39 -4.92 -25.62 -4.07
C PRO B 39 -5.88 -24.73 -3.29
N LEU B 40 -7.14 -24.72 -3.70
CA LEU B 40 -8.14 -23.90 -3.02
C LEU B 40 -8.23 -24.19 -1.51
N GLU B 41 -7.94 -25.42 -1.12
CA GLU B 41 -8.00 -25.83 0.29
C GLU B 41 -6.91 -25.22 1.17
N ALA B 42 -5.75 -24.93 0.58
CA ALA B 42 -4.66 -24.37 1.34
C ALA B 42 -4.69 -22.84 1.33
N LEU B 43 -5.66 -22.26 0.63
CA LEU B 43 -5.75 -20.81 0.52
C LEU B 43 -5.85 -20.04 1.85
N PRO B 44 -6.77 -20.44 2.74
CA PRO B 44 -6.85 -19.70 4.01
C PRO B 44 -5.51 -19.71 4.74
N GLY B 45 -4.92 -20.89 4.83
CA GLY B 45 -3.65 -21.02 5.51
C GLY B 45 -2.50 -20.31 4.81
N ARG B 46 -2.53 -20.29 3.48
CA ARG B 46 -1.46 -19.65 2.72
C ARG B 46 -1.51 -18.13 2.92
N LEU B 47 -2.72 -17.57 2.97
CA LEU B 47 -2.82 -16.14 3.17
C LEU B 47 -2.30 -15.72 4.54
N LYS B 48 -2.46 -16.60 5.54
CA LYS B 48 -1.96 -16.29 6.88
C LYS B 48 -0.45 -16.20 6.81
N GLU B 49 0.15 -17.05 5.98
CA GLU B 49 1.58 -17.06 5.79
C GLU B 49 1.99 -15.79 5.04
N VAL B 50 1.16 -15.37 4.09
CA VAL B 50 1.44 -14.16 3.31
C VAL B 50 1.50 -12.94 4.22
N ARG B 51 0.55 -12.87 5.16
CA ARG B 51 0.52 -11.74 6.10
C ARG B 51 1.83 -11.57 6.82
N ARG B 52 2.51 -12.67 7.12
CA ARG B 52 3.75 -12.57 7.86
C ARG B 52 5.06 -12.56 7.09
N ALA B 53 5.12 -13.22 5.93
CA ALA B 53 6.38 -13.27 5.20
C ALA B 53 6.48 -12.71 3.79
N PHE B 54 5.38 -12.24 3.21
CA PHE B 54 5.44 -11.71 1.85
C PHE B 54 4.93 -10.28 1.71
N ARG B 55 5.61 -9.50 0.88
CA ARG B 55 5.21 -8.13 0.63
C ARG B 55 3.97 -8.13 -0.27
N GLY B 56 3.90 -9.11 -1.16
CA GLY B 56 2.76 -9.20 -2.04
C GLY B 56 2.76 -10.50 -2.82
N VAL B 57 1.61 -10.86 -3.36
CA VAL B 57 1.51 -12.07 -4.17
C VAL B 57 0.47 -11.87 -5.25
N ASN B 58 0.63 -12.64 -6.33
CA ASN B 58 -0.34 -12.65 -7.40
C ASN B 58 -1.15 -13.91 -7.15
N LEU B 59 -2.41 -13.89 -7.55
CA LEU B 59 -3.28 -15.05 -7.43
C LEU B 59 -3.76 -15.42 -8.82
N THR B 60 -3.85 -16.72 -9.09
CA THR B 60 -4.35 -17.18 -10.38
C THR B 60 -5.31 -18.32 -10.07
N LEU B 61 -5.81 -18.97 -11.11
CA LEU B 61 -6.75 -20.08 -10.93
C LEU B 61 -6.23 -21.07 -9.88
N PRO B 62 -7.10 -21.53 -8.96
CA PRO B 62 -8.52 -21.20 -8.81
C PRO B 62 -8.71 -20.41 -7.51
N LEU B 63 -7.92 -19.36 -7.33
CA LEU B 63 -7.99 -18.59 -6.08
C LEU B 63 -8.55 -17.16 -6.19
N LYS B 64 -8.64 -16.63 -7.41
CA LYS B 64 -9.10 -15.25 -7.59
C LYS B 64 -10.42 -14.83 -6.97
N GLU B 65 -11.39 -15.74 -6.93
CA GLU B 65 -12.70 -15.42 -6.36
C GLU B 65 -12.79 -15.77 -4.88
N ALA B 66 -12.24 -16.92 -4.50
CA ALA B 66 -12.27 -17.36 -3.11
C ALA B 66 -11.43 -16.48 -2.18
N ALA B 67 -10.49 -15.75 -2.75
CA ALA B 67 -9.61 -14.90 -1.95
C ALA B 67 -10.28 -13.69 -1.32
N LEU B 68 -11.29 -13.13 -1.98
CA LEU B 68 -11.94 -11.94 -1.46
C LEU B 68 -12.39 -12.02 0.00
N ALA B 69 -12.98 -13.15 0.37
CA ALA B 69 -13.46 -13.33 1.74
C ALA B 69 -12.35 -13.26 2.78
N HIS B 70 -11.12 -13.55 2.37
CA HIS B 70 -10.00 -13.56 3.30
C HIS B 70 -9.10 -12.33 3.31
N LEU B 71 -9.58 -11.22 2.77
CA LEU B 71 -8.74 -10.02 2.73
C LEU B 71 -9.34 -8.91 3.62
N ASP B 72 -8.52 -7.95 4.02
CA ASP B 72 -9.01 -6.86 4.88
C ASP B 72 -9.71 -5.76 4.10
N TRP B 73 -9.35 -5.64 2.82
CA TRP B 73 -9.92 -4.60 1.99
C TRP B 73 -9.80 -5.05 0.54
N VAL B 74 -10.82 -4.74 -0.25
CA VAL B 74 -10.82 -5.12 -1.65
C VAL B 74 -11.16 -3.86 -2.44
N SER B 75 -10.44 -3.62 -3.52
CA SER B 75 -10.68 -2.43 -4.31
C SER B 75 -12.09 -2.45 -4.95
N PRO B 76 -12.63 -1.28 -5.23
CA PRO B 76 -13.96 -1.16 -5.84
C PRO B 76 -14.02 -1.95 -7.13
N GLU B 77 -12.98 -1.82 -7.95
CA GLU B 77 -12.95 -2.53 -9.21
C GLU B 77 -12.89 -4.05 -9.01
N ALA B 78 -12.04 -4.51 -8.10
CA ALA B 78 -11.94 -5.95 -7.85
C ALA B 78 -13.27 -6.50 -7.33
N GLN B 79 -13.98 -5.70 -6.55
CA GLN B 79 -15.26 -6.17 -6.02
C GLN B 79 -16.26 -6.37 -7.14
N ARG B 80 -16.34 -5.41 -8.06
CA ARG B 80 -17.26 -5.49 -9.18
C ARG B 80 -16.93 -6.67 -10.08
N ILE B 81 -15.64 -6.85 -10.34
CA ILE B 81 -15.18 -7.94 -11.19
C ILE B 81 -15.39 -9.25 -10.46
N GLY B 82 -15.29 -9.20 -9.13
CA GLY B 82 -15.45 -10.39 -8.33
C GLY B 82 -14.20 -11.24 -8.32
N ALA B 83 -13.07 -10.63 -8.63
CA ALA B 83 -11.82 -11.37 -8.65
C ALA B 83 -10.63 -10.50 -8.26
N VAL B 84 -9.71 -11.10 -7.50
CA VAL B 84 -8.49 -10.41 -7.08
C VAL B 84 -7.30 -11.21 -7.63
N ASN B 85 -6.41 -10.54 -8.35
CA ASN B 85 -5.23 -11.23 -8.86
C ASN B 85 -3.97 -10.66 -8.22
N THR B 86 -4.12 -9.60 -7.43
CA THR B 86 -2.96 -8.99 -6.78
C THR B 86 -3.24 -8.64 -5.31
N VAL B 87 -2.39 -9.13 -4.41
CA VAL B 87 -2.54 -8.85 -2.99
C VAL B 87 -1.30 -8.13 -2.45
N LEU B 88 -1.53 -7.07 -1.69
CA LEU B 88 -0.47 -6.28 -1.07
C LEU B 88 -0.56 -6.53 0.43
N GLN B 89 0.59 -6.68 1.08
CA GLN B 89 0.61 -6.90 2.53
C GLN B 89 1.36 -5.77 3.19
N VAL B 90 0.67 -5.06 4.08
CA VAL B 90 1.27 -3.95 4.82
C VAL B 90 0.83 -4.11 6.28
N GLU B 91 1.79 -4.07 7.20
CA GLU B 91 1.54 -4.25 8.64
C GLU B 91 0.67 -5.47 8.93
N GLY B 92 0.89 -6.54 8.18
CA GLY B 92 0.12 -7.75 8.38
C GLY B 92 -1.31 -7.73 7.88
N ARG B 93 -1.70 -6.65 7.21
CA ARG B 93 -3.05 -6.51 6.65
C ARG B 93 -2.97 -6.85 5.16
N LEU B 94 -4.06 -7.38 4.60
CA LEU B 94 -4.07 -7.74 3.17
C LEU B 94 -5.05 -6.91 2.35
N PHE B 95 -4.56 -6.36 1.24
CA PHE B 95 -5.40 -5.54 0.37
C PHE B 95 -5.44 -6.20 -1.01
N GLY B 96 -6.65 -6.35 -1.56
CA GLY B 96 -6.79 -6.99 -2.86
C GLY B 96 -7.12 -6.04 -3.99
N PHE B 97 -6.43 -6.23 -5.10
CA PHE B 97 -6.61 -5.38 -6.27
C PHE B 97 -6.74 -6.26 -7.51
N ASN B 98 -7.15 -5.66 -8.62
CA ASN B 98 -7.22 -6.40 -9.87
C ASN B 98 -6.42 -5.63 -10.91
N THR B 99 -5.24 -6.14 -11.25
CA THR B 99 -4.41 -5.49 -12.25
C THR B 99 -4.65 -6.12 -13.63
N ASP B 100 -5.48 -7.16 -13.68
CA ASP B 100 -5.82 -7.80 -14.95
C ASP B 100 -6.54 -6.80 -15.85
N ALA B 101 -7.47 -6.06 -15.26
CA ALA B 101 -8.24 -5.08 -16.02
C ALA B 101 -7.38 -3.94 -16.57
N PRO B 102 -6.72 -3.16 -15.70
CA PRO B 102 -5.90 -2.09 -16.27
C PRO B 102 -4.73 -2.62 -17.13
N GLY B 103 -4.18 -3.78 -16.77
CA GLY B 103 -3.08 -4.34 -17.53
C GLY B 103 -3.50 -4.67 -18.95
N PHE B 104 -4.71 -5.19 -19.08
CA PHE B 104 -5.25 -5.54 -20.38
C PHE B 104 -5.32 -4.28 -21.26
N LEU B 105 -5.92 -3.21 -20.73
CA LEU B 105 -6.06 -1.97 -21.48
C LEU B 105 -4.72 -1.37 -21.88
N GLU B 106 -3.78 -1.34 -20.95
CA GLU B 106 -2.48 -0.77 -21.25
C GLU B 106 -1.74 -1.60 -22.31
N ALA B 107 -1.92 -2.92 -22.27
CA ALA B 107 -1.29 -3.80 -23.26
C ALA B 107 -1.87 -3.52 -24.65
N LEU B 108 -3.17 -3.31 -24.73
CA LEU B 108 -3.79 -3.02 -26.03
C LEU B 108 -3.24 -1.68 -26.52
N LYS B 109 -3.22 -0.69 -25.63
CA LYS B 109 -2.72 0.64 -25.99
C LYS B 109 -1.27 0.62 -26.46
N ALA B 110 -0.40 -0.02 -25.69
CA ALA B 110 1.02 -0.10 -26.07
C ALA B 110 1.23 -0.93 -27.35
N GLY B 111 0.34 -1.89 -27.59
CA GLY B 111 0.46 -2.72 -28.78
C GLY B 111 -0.21 -2.14 -30.01
N GLY B 112 -0.76 -0.94 -29.87
CA GLY B 112 -1.44 -0.29 -30.98
C GLY B 112 -2.75 -0.95 -31.41
N ILE B 113 -3.44 -1.61 -30.49
CA ILE B 113 -4.72 -2.25 -30.82
C ILE B 113 -5.83 -1.22 -30.55
N PRO B 114 -6.48 -0.72 -31.62
CA PRO B 114 -7.54 0.27 -31.44
C PRO B 114 -8.79 -0.23 -30.72
N LEU B 115 -9.36 0.62 -29.86
CA LEU B 115 -10.58 0.28 -29.15
C LEU B 115 -11.77 0.60 -30.06
N LYS B 116 -11.94 -0.21 -31.10
CA LYS B 116 -13.02 -0.02 -32.05
C LYS B 116 -14.18 -0.90 -31.60
N GLY B 117 -15.36 -0.30 -31.45
CA GLY B 117 -16.51 -1.06 -31.03
C GLY B 117 -17.35 -1.52 -32.22
N PRO B 118 -18.27 -2.47 -32.00
CA PRO B 118 -18.55 -3.11 -30.72
C PRO B 118 -17.45 -4.13 -30.38
N ALA B 119 -17.22 -4.35 -29.10
CA ALA B 119 -16.22 -5.31 -28.65
C ALA B 119 -16.98 -6.55 -28.19
N LEU B 120 -16.39 -7.73 -28.39
CA LEU B 120 -17.03 -8.97 -27.97
C LEU B 120 -16.06 -9.78 -27.14
N VAL B 121 -16.49 -10.15 -25.93
CA VAL B 121 -15.66 -10.95 -25.03
C VAL B 121 -16.15 -12.38 -24.96
N LEU B 122 -15.30 -13.31 -25.35
CA LEU B 122 -15.64 -14.73 -25.31
C LEU B 122 -15.17 -15.28 -23.98
N GLY B 123 -16.11 -15.79 -23.17
CA GLY B 123 -15.74 -16.33 -21.87
C GLY B 123 -16.11 -15.37 -20.76
N ALA B 124 -16.72 -15.88 -19.69
CA ALA B 124 -17.12 -15.02 -18.58
C ALA B 124 -16.48 -15.37 -17.24
N GLY B 125 -15.24 -15.84 -17.28
CA GLY B 125 -14.53 -16.20 -16.05
C GLY B 125 -13.83 -15.00 -15.45
N GLY B 126 -12.85 -15.25 -14.58
CA GLY B 126 -12.13 -14.17 -13.93
C GLY B 126 -11.46 -13.22 -14.93
N ALA B 127 -10.87 -13.80 -15.96
CA ALA B 127 -10.21 -13.01 -16.99
C ALA B 127 -11.25 -12.30 -17.82
N GLY B 128 -12.27 -13.05 -18.26
CA GLY B 128 -13.32 -12.47 -19.08
C GLY B 128 -14.06 -11.34 -18.39
N ARG B 129 -14.33 -11.53 -17.10
CA ARG B 129 -15.02 -10.52 -16.32
C ARG B 129 -14.16 -9.27 -16.21
N ALA B 130 -12.87 -9.46 -15.96
CA ALA B 130 -11.95 -8.34 -15.85
C ALA B 130 -11.88 -7.59 -17.19
N VAL B 131 -11.79 -8.33 -18.29
CA VAL B 131 -11.72 -7.72 -19.61
C VAL B 131 -13.02 -6.97 -19.93
N ALA B 132 -14.17 -7.62 -19.68
CA ALA B 132 -15.44 -6.94 -19.97
C ALA B 132 -15.54 -5.63 -19.17
N PHE B 133 -15.21 -5.70 -17.90
CA PHE B 133 -15.27 -4.51 -17.05
C PHE B 133 -14.35 -3.42 -17.60
N ALA B 134 -13.14 -3.81 -17.98
CA ALA B 134 -12.17 -2.84 -18.51
C ALA B 134 -12.68 -2.16 -19.78
N LEU B 135 -13.20 -2.95 -20.71
CA LEU B 135 -13.70 -2.41 -21.97
C LEU B 135 -14.94 -1.53 -21.76
N ARG B 136 -15.78 -1.90 -20.80
CA ARG B 136 -16.96 -1.10 -20.53
C ARG B 136 -16.55 0.28 -20.03
N GLU B 137 -15.67 0.30 -19.05
CA GLU B 137 -15.23 1.56 -18.48
C GLU B 137 -14.47 2.41 -19.48
N ALA B 138 -13.94 1.78 -20.52
CA ALA B 138 -13.21 2.52 -21.55
C ALA B 138 -14.18 3.18 -22.50
N GLY B 139 -15.47 2.90 -22.31
CA GLY B 139 -16.50 3.52 -23.14
C GLY B 139 -16.99 2.74 -24.35
N LEU B 140 -16.58 1.49 -24.47
CA LEU B 140 -17.01 0.68 -25.60
C LEU B 140 -18.39 0.08 -25.44
N GLU B 141 -18.96 -0.32 -26.57
CA GLU B 141 -20.21 -1.05 -26.55
C GLU B 141 -19.59 -2.44 -26.42
N VAL B 142 -19.97 -3.18 -25.38
CA VAL B 142 -19.39 -4.48 -25.11
C VAL B 142 -20.41 -5.59 -25.07
N TRP B 143 -20.15 -6.64 -25.87
CA TRP B 143 -21.02 -7.80 -25.90
C TRP B 143 -20.25 -8.93 -25.25
N VAL B 144 -20.97 -9.93 -24.75
CA VAL B 144 -20.36 -11.08 -24.10
C VAL B 144 -20.99 -12.38 -24.58
N TRP B 145 -20.19 -13.42 -24.62
CA TRP B 145 -20.65 -14.75 -25.03
C TRP B 145 -19.98 -15.76 -24.13
N ASN B 146 -20.64 -16.91 -23.92
CA ASN B 146 -20.05 -17.96 -23.09
C ASN B 146 -20.58 -19.28 -23.59
N ARG B 147 -19.81 -20.35 -23.39
CA ARG B 147 -20.24 -21.66 -23.85
C ARG B 147 -21.56 -21.98 -23.13
N THR B 148 -21.60 -21.64 -21.84
CA THR B 148 -22.78 -21.84 -21.02
C THR B 148 -23.55 -20.53 -21.05
N PRO B 149 -24.75 -20.53 -21.65
CA PRO B 149 -25.63 -19.35 -21.77
C PRO B 149 -25.85 -18.52 -20.51
N GLN B 150 -26.33 -19.17 -19.44
CA GLN B 150 -26.60 -18.49 -18.18
C GLN B 150 -25.43 -17.63 -17.71
N ARG B 151 -24.23 -18.13 -17.90
CA ARG B 151 -23.01 -17.44 -17.50
C ARG B 151 -22.90 -16.08 -18.20
N ALA B 152 -23.15 -16.06 -19.50
CA ALA B 152 -23.06 -14.82 -20.27
C ALA B 152 -24.17 -13.83 -19.89
N LEU B 153 -25.39 -14.35 -19.74
CA LEU B 153 -26.53 -13.51 -19.38
C LEU B 153 -26.33 -12.86 -18.00
N ALA B 154 -25.77 -13.61 -17.07
CA ALA B 154 -25.52 -13.09 -15.72
C ALA B 154 -24.52 -11.94 -15.78
N LEU B 155 -23.44 -12.14 -16.55
CA LEU B 155 -22.42 -11.11 -16.69
C LEU B 155 -23.01 -9.88 -17.36
N ALA B 156 -23.81 -10.11 -18.39
CA ALA B 156 -24.45 -9.01 -19.12
C ALA B 156 -25.34 -8.20 -18.17
N GLU B 157 -26.11 -8.91 -17.36
CA GLU B 157 -27.00 -8.24 -16.41
C GLU B 157 -26.23 -7.43 -15.37
N GLU B 158 -25.21 -8.03 -14.81
CA GLU B 158 -24.38 -7.38 -13.79
C GLU B 158 -23.75 -6.09 -14.28
N PHE B 159 -23.20 -6.13 -15.49
CA PHE B 159 -22.50 -4.96 -16.04
C PHE B 159 -23.28 -4.08 -16.99
N GLY B 160 -24.53 -4.45 -17.30
CA GLY B 160 -25.32 -3.63 -18.23
C GLY B 160 -24.82 -3.77 -19.65
N LEU B 161 -24.44 -4.98 -20.02
CA LEU B 161 -23.95 -5.28 -21.35
C LEU B 161 -24.95 -6.24 -22.00
N ARG B 162 -24.61 -6.75 -23.18
CA ARG B 162 -25.49 -7.69 -23.87
C ARG B 162 -24.81 -9.00 -24.20
N ALA B 163 -25.52 -10.10 -23.93
CA ALA B 163 -25.04 -11.44 -24.22
C ALA B 163 -25.48 -11.66 -25.67
N VAL B 164 -24.57 -12.17 -26.48
CA VAL B 164 -24.89 -12.39 -27.88
C VAL B 164 -24.55 -13.79 -28.37
N PRO B 165 -25.11 -14.18 -29.52
CA PRO B 165 -24.84 -15.49 -30.11
C PRO B 165 -23.46 -15.43 -30.74
N LEU B 166 -22.83 -16.58 -30.89
CA LEU B 166 -21.50 -16.65 -31.46
C LEU B 166 -21.38 -15.96 -32.82
N GLU B 167 -22.43 -16.03 -33.64
CA GLU B 167 -22.40 -15.41 -34.97
C GLU B 167 -22.15 -13.90 -34.96
N LYS B 168 -22.49 -13.24 -33.85
CA LYS B 168 -22.30 -11.79 -33.74
C LYS B 168 -20.82 -11.39 -33.78
N ALA B 169 -19.93 -12.37 -33.66
CA ALA B 169 -18.51 -12.08 -33.70
C ALA B 169 -18.17 -11.40 -35.03
N ARG B 170 -18.94 -11.68 -36.07
CA ARG B 170 -18.65 -11.07 -37.36
C ARG B 170 -18.83 -9.56 -37.34
N GLU B 171 -19.64 -9.07 -36.40
CA GLU B 171 -19.91 -7.64 -36.30
C GLU B 171 -19.02 -6.91 -35.29
N ALA B 172 -18.21 -7.66 -34.55
CA ALA B 172 -17.31 -7.08 -33.56
C ALA B 172 -16.08 -6.49 -34.24
N ARG B 173 -15.59 -5.39 -33.72
CA ARG B 173 -14.39 -4.78 -34.27
C ARG B 173 -13.23 -5.04 -33.32
N LEU B 174 -13.55 -5.55 -32.13
CA LEU B 174 -12.53 -5.93 -31.15
C LEU B 174 -13.00 -7.23 -30.53
N LEU B 175 -12.27 -8.30 -30.82
CA LEU B 175 -12.65 -9.62 -30.35
C LEU B 175 -11.63 -10.13 -29.37
N VAL B 176 -12.09 -10.53 -28.18
CA VAL B 176 -11.19 -11.03 -27.15
C VAL B 176 -11.55 -12.45 -26.72
N ASN B 177 -10.60 -13.37 -26.88
CA ASN B 177 -10.86 -14.74 -26.47
C ASN B 177 -10.32 -14.96 -25.06
N ALA B 178 -11.25 -15.04 -24.11
CA ALA B 178 -10.90 -15.28 -22.71
C ALA B 178 -11.41 -16.64 -22.25
N THR B 179 -11.52 -17.59 -23.17
CA THR B 179 -11.99 -18.92 -22.85
C THR B 179 -10.82 -19.86 -22.59
N ARG B 180 -9.60 -19.32 -22.68
CA ARG B 180 -8.40 -20.10 -22.46
C ARG B 180 -8.19 -20.28 -20.96
N VAL B 181 -9.05 -21.09 -20.34
CA VAL B 181 -9.00 -21.37 -18.91
C VAL B 181 -7.59 -21.40 -18.32
N GLY B 182 -6.82 -22.42 -18.69
CA GLY B 182 -5.47 -22.53 -18.19
C GLY B 182 -4.48 -22.94 -19.28
N LEU B 183 -4.43 -22.14 -20.34
CA LEU B 183 -3.55 -22.40 -21.47
C LEU B 183 -3.59 -23.88 -21.85
N ALA B 188 -8.31 -25.36 -28.44
CA ALA B 188 -9.02 -24.90 -29.62
C ALA B 188 -10.04 -23.82 -29.25
N SER B 189 -10.01 -22.70 -29.99
CA SER B 189 -10.95 -21.62 -29.73
C SER B 189 -12.33 -22.18 -30.05
N PRO B 190 -13.38 -21.54 -29.52
CA PRO B 190 -14.74 -22.01 -29.77
C PRO B 190 -15.34 -21.32 -30.99
N LEU B 191 -14.55 -20.44 -31.61
CA LEU B 191 -15.02 -19.67 -32.77
C LEU B 191 -14.66 -20.19 -34.15
N PRO B 192 -15.66 -20.62 -34.92
CA PRO B 192 -15.38 -21.12 -36.27
C PRO B 192 -14.73 -20.00 -37.09
N ALA B 193 -13.78 -20.34 -37.95
CA ALA B 193 -13.10 -19.35 -38.78
C ALA B 193 -14.06 -18.46 -39.58
N GLU B 194 -15.16 -19.03 -40.06
CA GLU B 194 -16.14 -18.29 -40.86
C GLU B 194 -16.90 -17.21 -40.10
N LEU B 195 -16.84 -17.25 -38.78
CA LEU B 195 -17.55 -16.27 -37.96
C LEU B 195 -16.66 -15.17 -37.39
N PHE B 196 -15.42 -15.09 -37.87
CA PHE B 196 -14.48 -14.07 -37.38
C PHE B 196 -14.86 -12.68 -37.87
N PRO B 197 -14.50 -11.65 -37.08
CA PRO B 197 -14.80 -10.26 -37.43
C PRO B 197 -14.37 -9.91 -38.84
N GLU B 198 -15.14 -9.05 -39.49
CA GLU B 198 -14.83 -8.61 -40.85
C GLU B 198 -13.57 -7.75 -40.84
N GLU B 199 -13.52 -6.81 -39.91
CA GLU B 199 -12.39 -5.90 -39.76
C GLU B 199 -12.17 -5.70 -38.27
N GLY B 200 -11.07 -5.04 -37.91
CA GLY B 200 -10.80 -4.80 -36.50
C GLY B 200 -9.60 -5.54 -35.95
N ALA B 201 -9.72 -6.00 -34.71
CA ALA B 201 -8.63 -6.68 -34.04
C ALA B 201 -9.09 -7.85 -33.18
N ALA B 202 -8.19 -8.80 -32.99
CA ALA B 202 -8.47 -9.99 -32.19
C ALA B 202 -7.35 -10.15 -31.17
N VAL B 203 -7.74 -10.44 -29.93
CA VAL B 203 -6.79 -10.64 -28.83
C VAL B 203 -7.08 -12.01 -28.20
N ASP B 204 -6.06 -12.84 -28.15
CA ASP B 204 -6.19 -14.19 -27.59
C ASP B 204 -5.45 -14.21 -26.27
N LEU B 205 -6.19 -14.28 -25.16
CA LEU B 205 -5.58 -14.28 -23.83
C LEU B 205 -4.94 -15.62 -23.54
N VAL B 206 -3.85 -15.90 -24.24
CA VAL B 206 -3.10 -17.14 -24.07
C VAL B 206 -1.69 -16.63 -23.80
N TYR B 207 -1.02 -17.18 -22.79
CA TYR B 207 0.30 -16.68 -22.43
C TYR B 207 1.51 -17.43 -22.96
N ARG B 208 1.49 -18.76 -22.86
CA ARG B 208 2.63 -19.57 -23.30
C ARG B 208 2.80 -19.74 -24.81
N PRO B 209 1.69 -19.93 -25.54
CA PRO B 209 1.76 -20.11 -26.99
C PRO B 209 2.39 -18.98 -27.78
N LEU B 210 3.17 -19.36 -28.77
CA LEU B 210 3.82 -18.39 -29.65
C LEU B 210 2.77 -17.96 -30.65
N TRP B 211 1.93 -18.90 -31.05
CA TRP B 211 0.86 -18.67 -32.01
C TRP B 211 -0.32 -19.58 -31.68
N THR B 212 -1.48 -19.30 -32.29
CA THR B 212 -2.68 -20.12 -32.11
C THR B 212 -3.49 -20.06 -33.40
N ARG B 213 -4.30 -21.07 -33.65
CA ARG B 213 -5.12 -21.08 -34.85
C ARG B 213 -6.04 -19.86 -34.83
N PHE B 214 -6.61 -19.57 -33.66
CA PHE B 214 -7.49 -18.42 -33.46
C PHE B 214 -6.76 -17.19 -33.99
N LEU B 215 -5.52 -16.98 -33.55
CA LEU B 215 -4.75 -15.83 -34.02
C LEU B 215 -4.34 -15.90 -35.49
N ARG B 216 -3.93 -17.08 -35.96
CA ARG B 216 -3.55 -17.21 -37.36
C ARG B 216 -4.75 -16.95 -38.27
N GLU B 217 -5.93 -17.39 -37.81
CA GLU B 217 -7.17 -17.20 -38.55
C GLU B 217 -7.47 -15.70 -38.63
N ALA B 218 -7.36 -15.01 -37.49
CA ALA B 218 -7.61 -13.59 -37.43
C ALA B 218 -6.64 -12.82 -38.31
N LYS B 219 -5.36 -13.18 -38.23
CA LYS B 219 -4.33 -12.53 -39.03
C LYS B 219 -4.64 -12.69 -40.51
N ALA B 220 -4.92 -13.92 -40.93
CA ALA B 220 -5.25 -14.22 -42.32
C ALA B 220 -6.45 -13.38 -42.75
N LYS B 221 -7.44 -13.28 -41.87
CA LYS B 221 -8.65 -12.50 -42.14
C LYS B 221 -8.31 -11.00 -42.22
N GLY B 222 -7.05 -10.66 -41.96
CA GLY B 222 -6.64 -9.27 -42.03
C GLY B 222 -6.85 -8.46 -40.77
N LEU B 223 -7.10 -9.13 -39.64
CA LEU B 223 -7.31 -8.44 -38.37
C LEU B 223 -5.98 -8.20 -37.66
N LYS B 224 -5.91 -7.14 -36.86
CA LYS B 224 -4.69 -6.86 -36.10
C LYS B 224 -4.80 -7.84 -34.93
N VAL B 225 -3.69 -8.47 -34.53
CA VAL B 225 -3.74 -9.45 -33.46
C VAL B 225 -2.77 -9.22 -32.31
N GLN B 226 -3.02 -9.91 -31.20
CA GLN B 226 -2.17 -9.82 -30.02
C GLN B 226 -2.42 -11.04 -29.12
N THR B 227 -1.36 -11.61 -28.57
CA THR B 227 -1.53 -12.75 -27.68
C THR B 227 -1.77 -12.19 -26.28
N GLY B 228 -1.77 -13.07 -25.29
CA GLY B 228 -1.98 -12.64 -23.92
C GLY B 228 -0.71 -12.27 -23.18
N LEU B 229 0.45 -12.42 -23.82
CA LEU B 229 1.71 -12.10 -23.14
C LEU B 229 1.83 -10.62 -22.75
N PRO B 230 1.42 -9.69 -23.65
CA PRO B 230 1.53 -8.27 -23.29
C PRO B 230 0.68 -7.99 -22.05
N MET B 231 -0.52 -8.55 -22.02
CA MET B 231 -1.40 -8.36 -20.86
C MET B 231 -0.75 -8.92 -19.59
N LEU B 232 -0.13 -10.08 -19.70
CA LEU B 232 0.51 -10.70 -18.53
C LEU B 232 1.61 -9.79 -18.01
N ALA B 233 2.42 -9.27 -18.92
CA ALA B 233 3.52 -8.37 -18.56
C ALA B 233 3.00 -7.11 -17.88
N TRP B 234 1.96 -6.51 -18.47
CA TRP B 234 1.39 -5.29 -17.89
C TRP B 234 0.68 -5.51 -16.56
N GLN B 235 -0.06 -6.61 -16.41
CA GLN B 235 -0.73 -6.83 -15.13
C GLN B 235 0.36 -7.04 -14.09
N GLY B 236 1.45 -7.67 -14.51
CA GLY B 236 2.58 -7.93 -13.63
C GLY B 236 3.35 -6.68 -13.25
N ALA B 237 3.61 -5.80 -14.23
CA ALA B 237 4.32 -4.57 -13.95
C ALA B 237 3.46 -3.70 -13.03
N LEU B 238 2.16 -3.72 -13.26
CA LEU B 238 1.27 -2.91 -12.42
C LEU B 238 1.23 -3.44 -11.00
N ALA B 239 1.30 -4.76 -10.86
CA ALA B 239 1.30 -5.39 -9.54
C ALA B 239 2.60 -5.00 -8.80
N PHE B 240 3.72 -5.04 -9.52
CA PHE B 240 5.00 -4.70 -8.90
C PHE B 240 4.99 -3.26 -8.38
N ARG B 241 4.39 -2.36 -9.15
CA ARG B 241 4.32 -0.95 -8.74
C ARG B 241 3.39 -0.82 -7.54
N LEU B 242 2.33 -1.61 -7.51
CA LEU B 242 1.42 -1.56 -6.37
C LEU B 242 2.22 -1.96 -5.13
N TRP B 243 3.07 -2.97 -5.28
CA TRP B 243 3.84 -3.45 -4.16
C TRP B 243 4.99 -2.57 -3.69
N THR B 244 5.69 -1.93 -4.62
CA THR B 244 6.87 -1.17 -4.29
C THR B 244 6.90 0.32 -4.63
N GLY B 245 6.06 0.73 -5.55
CA GLY B 245 6.06 2.13 -5.98
C GLY B 245 6.90 2.28 -7.24
N LEU B 246 7.53 1.18 -7.65
CA LEU B 246 8.38 1.19 -8.84
C LEU B 246 7.76 0.37 -9.97
N LEU B 247 7.79 0.92 -11.18
CA LEU B 247 7.23 0.24 -12.34
C LEU B 247 8.33 -0.37 -13.21
N PRO B 248 8.40 -1.70 -13.27
CA PRO B 248 9.43 -2.33 -14.11
C PRO B 248 9.00 -2.20 -15.57
N ASP B 249 9.95 -2.18 -16.51
CA ASP B 249 9.60 -2.06 -17.92
C ASP B 249 8.77 -3.22 -18.45
N PRO B 250 7.50 -2.96 -18.80
CA PRO B 250 6.59 -3.99 -19.32
C PRO B 250 7.17 -4.74 -20.52
N SER B 251 7.82 -4.01 -21.42
CA SER B 251 8.43 -4.61 -22.60
C SER B 251 9.50 -5.59 -22.16
N GLY B 252 10.27 -5.16 -21.16
CA GLY B 252 11.33 -5.98 -20.63
C GLY B 252 10.79 -7.28 -20.06
N MET B 253 9.68 -7.19 -19.34
CA MET B 253 9.06 -8.37 -18.76
C MET B 253 8.56 -9.33 -19.84
N GLU B 254 7.97 -8.79 -20.89
CA GLU B 254 7.49 -9.64 -21.98
C GLU B 254 8.68 -10.34 -22.65
N GLU B 255 9.76 -9.61 -22.90
CA GLU B 255 10.94 -10.20 -23.52
C GLU B 255 11.50 -11.33 -22.65
N ALA B 256 11.54 -11.10 -21.35
CA ALA B 256 12.02 -12.09 -20.39
C ALA B 256 11.21 -13.39 -20.54
N ALA B 257 9.89 -13.24 -20.64
CA ALA B 257 9.01 -14.39 -20.79
C ALA B 257 9.25 -15.12 -22.11
N ARG B 258 9.41 -14.36 -23.19
CA ARG B 258 9.66 -14.99 -24.49
C ARG B 258 10.98 -15.77 -24.48
N ARG B 259 11.99 -15.20 -23.84
CA ARG B 259 13.28 -15.88 -23.78
C ARG B 259 13.13 -17.16 -22.96
N ALA B 260 12.34 -17.10 -21.89
CA ALA B 260 12.11 -18.26 -21.05
C ALA B 260 11.43 -19.36 -21.87
N LEU B 261 10.50 -18.94 -22.73
CA LEU B 261 9.75 -19.87 -23.58
C LEU B 261 10.61 -20.47 -24.69
N GLY B 262 11.72 -19.84 -25.01
CA GLY B 262 12.57 -20.38 -26.08
C GLY B 262 12.03 -20.12 -27.47
N VAL B 263 11.37 -18.98 -27.64
CA VAL B 263 10.80 -18.61 -28.94
C VAL B 263 11.24 -17.18 -29.29
S SO4 C . 9.13 26.03 37.29
O1 SO4 C . 10.06 24.71 37.35
O2 SO4 C . 8.18 25.87 38.37
O3 SO4 C . 9.86 27.11 37.41
O4 SO4 C . 8.43 25.88 36.04
S SO4 D . 19.71 10.93 22.24
O1 SO4 D . 19.41 11.62 20.81
O2 SO4 D . 20.18 9.60 21.92
O3 SO4 D . 20.58 11.63 22.92
O4 SO4 D . 18.40 10.82 22.83
O12 SKM E . 4.58 11.60 12.66
C8 SKM E . 5.66 12.44 12.20
C6 SKM E . 5.44 12.81 10.72
O7 SKM E . 5.38 11.62 9.94
C5 SKM E . 6.59 13.71 10.19
C4 SKM E . 7.06 14.74 11.21
C1 SKM E . 8.00 15.80 10.75
O2 SKM E . 8.38 15.82 9.45
O3 SKM E . 8.42 16.65 11.52
C10 SKM E . 6.68 14.74 12.49
C9 SKM E . 5.73 13.72 13.09
O11 SKM E . 4.43 14.31 13.18
S SO4 F . 5.24 -3.57 7.28
O1 SO4 F . 5.87 -2.16 6.80
O2 SO4 F . 4.21 -3.86 6.31
O3 SO4 F . 6.18 -4.49 7.32
O4 SO4 F . 4.64 -3.26 8.56
S SO4 G . -6.69 -22.61 -31.36
O1 SO4 G . -5.28 -23.11 -31.99
O2 SO4 G . -7.70 -23.15 -32.24
O3 SO4 G . -6.79 -23.02 -30.13
O4 SO4 G . -6.63 -21.18 -31.53
O12 SKM H . -3.86 -12.41 -13.24
C8 SKM H . -2.64 -13.04 -13.67
C6 SKM H . -1.75 -13.41 -12.43
O7 SKM H . -1.45 -12.25 -11.67
C5 SKM H . -0.44 -14.06 -12.90
C4 SKM H . -0.70 -15.20 -13.88
C1 SKM H . 0.35 -16.24 -14.05
O2 SKM H . 1.48 -16.15 -13.35
O3 SKM H . 0.19 -17.18 -14.82
C10 SKM H . -1.82 -15.30 -14.58
C9 SKM H . -2.98 -14.31 -14.51
O11 SKM H . -4.11 -14.98 -13.93
#